data_2L8I
#
_entry.id   2L8I
#
loop_
_entity.id
_entity.type
_entity.pdbx_description
1 polymer "DNA (5'-D(*GP*CP*TP*GP*CP*AP*AP*AP*CP*GP*TP*CP*G)-3')"
2 polymer "DNA (5'-D(*CP*GP*AP*CP*G*(2L8)P*TP*GP*CP*AP*GP*C)-3')"
#
loop_
_entity_poly.entity_id
_entity_poly.type
_entity_poly.pdbx_seq_one_letter_code
_entity_poly.pdbx_strand_id
1 'polydeoxyribonucleotide' (DG)(DC)(DT)(DG)(DC)(DA)(DA)(DA)(DC)(DG)(DT)(DC)(DG) A
2 'polydeoxyribonucleotide' (DC)(DG)(DA)(DC)(DG)(2L8)(DT)(DG)(DC)(DA)(DG)(DC) B
#
loop_
_chem_comp.id
_chem_comp.type
_chem_comp.name
_chem_comp.formula
2L8 DNA linking '[(2R,3S,5R)-3-[(1-{[(2R,3S,5R)-3-hydroxy-5-(5-methyl-2,4-dioxo-3,4-dihydropyrimidin-1(2H)-yl)tetrahydrofuran-2-yl]methyl}-1H-1,2,3-triazol-4-yl)methoxy]-5-(5-methyl-2,4-dioxo-3,4-dihydropyrimidin-1(2H)-yl)tetrahydrofuran-2-yl]methyl dihydrogen phosphate' 'C23 H30 N7 O12 P'
DA DNA linking 2'-DEOXYADENOSINE-5'-MONOPHOSPHATE 'C10 H14 N5 O6 P'
DC DNA linking 2'-DEOXYCYTIDINE-5'-MONOPHOSPHATE 'C9 H14 N3 O7 P'
DG DNA linking 2'-DEOXYGUANOSINE-5'-MONOPHOSPHATE 'C10 H14 N5 O7 P'
DT DNA linking THYMIDINE-5'-MONOPHOSPHATE 'C10 H15 N2 O8 P'
#
# COMPACT_ATOMS: atom_id res chain seq x y z
N1 2L8 B 6 0.17 -1.85 3.01
P1 2L8 B 6 0.79 5.17 -4.33
N11 2L8 B 6 2.05 1.23 -0.50
C2 2L8 B 6 1.00 -1.88 4.11
O2 2L8 B 6 1.36 -2.92 4.64
C21 2L8 B 6 2.48 0.32 0.45
O21 2L8 B 6 2.25 -0.87 0.37
N3 2L8 B 6 1.39 -0.65 4.56
N31 2L8 B 6 3.18 0.87 1.49
C4 2L8 B 6 1.04 0.58 4.05
O4 2L8 B 6 1.48 1.60 4.57
C41 2L8 B 6 3.49 2.20 1.67
O41 2L8 B 6 4.14 2.54 2.65
C5 2L8 B 6 0.17 0.54 2.89
C51 2L8 B 6 3.02 3.09 0.64
C6 2L8 B 6 -0.20 -0.65 2.42
C61 2L8 B 6 2.31 2.58 -0.38
C7 2L8 B 6 -0.29 1.83 2.29
C71 2L8 B 6 3.31 4.56 0.75
C1' 2L8 B 6 -0.32 -3.13 2.46
C1'1 2L8 B 6 1.28 0.73 -1.66
C1A 2L8 B 6 -2.48 -0.61 -3.38
C2' 2L8 B 6 -1.23 -3.89 3.41
C2'1 2L8 B 6 -0.21 0.92 -1.58
C2A 2L8 B 6 -2.96 -1.04 -2.03
C3' 2L8 B 6 -2.20 -4.62 2.50
O3' 2L8 B 6 -1.73 -5.94 2.23
C3'1 2L8 B 6 -0.63 0.93 -3.05
O3'1 2L8 B 6 -1.07 -0.37 -3.45
C3A 2L8 B 6 -2.66 -2.15 -1.29
C4' 2L8 B 6 -2.22 -3.77 1.22
O4' 2L8 B 6 -1.10 -2.85 1.32
C4'1 2L8 B 6 0.65 1.30 -3.80
O4'1 2L8 B 6 1.68 1.46 -2.80
N4A 2L8 B 6 -3.86 -0.30 -1.29
C5'1 2L8 B 6 0.57 2.57 -4.63
O5'1 2L8 B 6 0.48 3.71 -3.77
N5A 2L8 B 6 -4.10 -0.89 -0.17
N6A 2L8 B 6 -3.37 -2.02 -0.15
C7A 2L8 B 6 -3.46 -2.90 1.02
OP1 2L8 B 6 0.82 6.11 -3.17
H3 2L8 B 6 2.00 -0.65 5.37
H1N3 2L8 B 6 3.51 0.23 2.19
H6 2L8 B 6 -0.82 -0.69 1.53
H1C6 2L8 B 6 1.95 3.25 -1.15
HC2' 2L8 B 6 -0.48 1.86 -1.09
H2' 2L8 B 6 -1.76 -3.23 4.10
HC5' 2L8 B 6 1.45 2.65 -5.26
H1' 2L8 B 6 0.54 -3.74 2.16
H11' 2L8 B 6 1.54 -0.31 -1.84
H1A 2L8 B 6 -3.06 0.27 -3.70
H1AA 2L8 B 6 -2.67 -1.41 -4.11
H2'A 2L8 B 6 -0.65 -4.59 4.02
H12' 2L8 B 6 -0.70 0.12 -1.03
H3' 2L8 B 6 -3.20 -4.68 2.93
H13' 2L8 B 6 -1.42 1.65 -3.24
H3A 2L8 B 6 -2.00 -2.98 -1.47
H4' 2L8 B 6 -2.12 -4.47 0.39
H14' 2L8 B 6 0.85 0.48 -4.50
H15' 2L8 B 6 -0.32 2.52 -5.26
H71 2L8 B 6 -0.27 1.75 1.21
H1C7 2L8 B 6 2.76 5.10 -0.01
H73 2L8 B 6 -1.30 2.05 2.63
H1CA 2L8 B 6 4.38 4.72 0.62
H72 2L8 B 6 0.38 2.64 2.60
H1CB 2L8 B 6 3.01 4.91 1.75
OP2 2L8 B 6 -0.12 5.43 -5.46
H7AA 2L8 B 6 -4.31 -3.55 0.88
H7AB 2L8 B 6 -3.64 -2.28 1.90
N1 2L8 B 6 0.01 -1.71 2.94
P1 2L8 B 6 0.78 5.07 -4.67
N11 2L8 B 6 2.01 1.21 -0.64
C2 2L8 B 6 0.79 -1.68 4.08
O2 2L8 B 6 1.16 -2.70 4.66
C21 2L8 B 6 2.44 0.32 0.31
O21 2L8 B 6 2.29 -0.88 0.21
N3 2L8 B 6 1.13 -0.43 4.51
N31 2L8 B 6 3.07 0.89 1.39
C4 2L8 B 6 0.79 0.78 3.93
O4 2L8 B 6 1.18 1.82 4.44
C41 2L8 B 6 3.30 2.23 1.61
O41 2L8 B 6 3.88 2.60 2.62
C5 2L8 B 6 -0.04 0.67 2.75
C51 2L8 B 6 2.81 3.11 0.57
C6 2L8 B 6 -0.38 -0.55 2.30
C61 2L8 B 6 2.19 2.57 -0.49
C7 2L8 B 6 -0.49 1.93 2.07
C71 2L8 B 6 3.01 4.58 0.71
C1' 2L8 B 6 -0.45 -3.01 2.41
C1'1 2L8 B 6 1.33 0.69 -1.84
C1A 2L8 B 6 -2.30 -0.80 -3.73
C2' 2L8 B 6 -1.36 -3.78 3.32
C2'1 2L8 B 6 -0.18 0.83 -1.84
C2A 2L8 B 6 -2.80 -1.18 -2.37
C3' 2L8 B 6 -2.26 -4.56 2.36
O3' 2L8 B 6 -1.77 -5.89 2.19
C3'1 2L8 B 6 -0.51 0.82 -3.33
O3'1 2L8 B 6 -0.90 -0.49 -3.76
C3A 2L8 B 6 -2.68 -2.36 -1.68
C4' 2L8 B 6 -2.19 -3.77 1.05
O4' 2L8 B 6 -1.19 -2.74 1.24
C4'1 2L8 B 6 0.79 1.22 -4.01
O4'1 2L8 B 6 1.75 1.45 -2.94
N4A 2L8 B 6 -3.47 -0.31 -1.56
C5'1 2L8 B 6 0.72 2.46 -4.89
O5'1 2L8 B 6 0.51 3.62 -4.08
N5A 2L8 B 6 -3.77 -0.89 -0.43
N6A 2L8 B 6 -3.29 -2.14 -0.50
C7A 2L8 B 6 -3.47 -3.02 0.64
OP1 2L8 B 6 0.76 6.04 -3.55
H3 2L8 B 6 1.69 -0.39 5.36
H1N3 2L8 B 6 3.40 0.26 2.10
H6 2L8 B 6 -0.98 -0.63 1.40
H1C6 2L8 B 6 1.83 3.24 -1.28
HC2' 2L8 B 6 -0.51 1.75 -1.37
H2' 2L8 B 6 -1.94 -3.14 3.97
HC5' 2L8 B 6 1.65 2.56 -5.45
H1' 2L8 B 6 0.43 -3.59 2.11
H11' 2L8 B 6 1.64 -0.34 -2.02
H1A 2L8 B 6 -2.89 0.04 -4.11
H1AA 2L8 B 6 -2.41 -1.62 -4.43
H2'A 2L8 B 6 -0.80 -4.46 3.96
H12' 2L8 B 6 -0.67 0.01 -1.31
H3' 2L8 B 6 -3.28 -4.60 2.73
H13' 2L8 B 6 -1.31 1.51 -3.56
H3A 2L8 B 6 -2.24 -3.31 -1.94
H4' 2L8 B 6 -1.93 -4.48 0.27
H14' 2L8 B 6 1.08 0.38 -4.66
H15' 2L8 B 6 -0.10 2.33 -5.59
H71 2L8 B 6 0.19 2.17 1.25
H1C7 2L8 B 6 2.22 5.12 0.20
H73 2L8 B 6 -0.50 2.75 2.79
H1CA 2L8 B 6 3.98 4.86 0.29
H72 2L8 B 6 -1.50 1.79 1.66
H1CB 2L8 B 6 3.00 4.86 1.77
OP2 2L8 B 6 -0.13 5.28 -5.83
H7AA 2L8 B 6 -4.21 -3.76 0.38
H7AB 2L8 B 6 -3.85 -2.43 1.47
N1 2L8 B 6 0.21 -1.55 3.08
P1 2L8 B 6 1.01 5.20 -4.59
N11 2L8 B 6 2.19 1.40 -0.50
C2 2L8 B 6 0.98 -1.52 4.22
O2 2L8 B 6 1.35 -2.52 4.81
C21 2L8 B 6 2.63 0.51 0.46
O21 2L8 B 6 2.50 -0.69 0.38
N3 2L8 B 6 1.31 -0.26 4.65
N31 2L8 B 6 3.23 1.11 1.55
C4 2L8 B 6 0.95 0.94 4.07
O4 2L8 B 6 1.32 2.00 4.57
C41 2L8 B 6 3.44 2.46 1.75
O41 2L8 B 6 3.99 2.84 2.78
C5 2L8 B 6 0.14 0.82 2.87
C51 2L8 B 6 2.95 3.32 0.70
C6 2L8 B 6 -0.18 -0.40 2.43
C61 2L8 B 6 2.35 2.76 -0.36
C7 2L8 B 6 -0.32 2.08 2.18
C71 2L8 B 6 3.14 4.79 0.83
C1' 2L8 B 6 -0.22 -2.86 2.55
C1'1 2L8 B 6 1.53 0.86 -1.70
C1A 2L8 B 6 -2.06 -0.70 -3.61
C2' 2L8 B 6 -1.14 -3.65 3.46
C2'1 2L8 B 6 0.03 0.97 -1.72
C2A 2L8 B 6 -2.56 -1.09 -2.26
C3' 2L8 B 6 -2.01 -4.43 2.49
O3' 2L8 B 6 -1.50 -5.76 2.31
C3'1 2L8 B 6 -0.29 0.93 -3.21
O3'1 2L8 B 6 -0.65 -0.38 -3.64
C3A 2L8 B 6 -2.43 -2.25 -1.56
C4' 2L8 B 6 -1.94 -3.65 1.18
O4' 2L8 B 6 -0.95 -2.62 1.36
C4'1 2L8 B 6 1.02 1.36 -3.88
O4'1 2L8 B 6 1.96 1.61 -2.81
N4A 2L8 B 6 -3.24 -0.22 -1.46
C5'1 2L8 B 6 0.94 2.57 -4.78
O5'1 2L8 B 6 0.74 3.75 -3.98
N5A 2L8 B 6 -3.54 -0.79 -0.33
N6A 2L8 B 6 -3.06 -2.04 -0.38
C7A 2L8 B 6 -3.22 -2.91 0.77
OP1 2L8 B 6 0.97 6.19 -3.48
H3 2L8 B 6 1.85 -0.20 5.50
H1N3 2L8 B 6 3.56 0.49 2.27
H6 2L8 B 6 -0.77 -0.50 1.51
H1C6 2L8 B 6 1.99 3.41 -1.15
HC2' 2L8 B 6 -0.32 1.89 -1.26
H2' 2L8 B 6 -1.74 -3.00 4.09
HC5' 2L8 B 6 1.85 2.67 -5.35
H1' 2L8 B 6 0.67 -3.44 2.26
H11' 2L8 B 6 1.86 -0.17 -1.86
H1A 2L8 B 6 -2.65 0.13 -4.00
H1AA 2L8 B 6 -2.14 -1.54 -4.31
H2'A 2L8 B 6 -0.56 -4.31 4.10
H12' 2L8 B 6 -0.46 0.14 -1.19
H3' 2L8 B 6 -3.04 -4.50 2.84
H13' 2L8 B 6 -1.10 1.62 -3.47
H3A 2L8 B 6 -1.98 -3.21 -1.81
H4' 2L8 B 6 -1.68 -4.36 0.39
H14' 2L8 B 6 1.32 0.52 -4.51
H15' 2L8 B 6 0.10 2.45 -5.47
H71 2L8 B 6 -0.34 2.90 2.89
H1C7 2L8 B 6 2.36 5.31 0.27
H73 2L8 B 6 -1.32 1.92 1.76
H1CA 2L8 B 6 4.11 5.08 0.44
H72 2L8 B 6 0.37 2.32 1.37
H1CB 2L8 B 6 3.07 5.08 1.88
OP2 2L8 B 6 0.12 5.38 -5.77
H7AA 2L8 B 6 -3.97 -3.65 0.50
H7AB 2L8 B 6 -3.61 -2.31 1.60
N1 2L8 B 6 0.11 -1.74 3.12
P1 2L8 B 6 0.93 5.01 -4.47
N11 2L8 B 6 2.19 1.13 -0.45
C2 2L8 B 6 0.89 -1.72 4.27
O2 2L8 B 6 1.23 -2.73 4.85
C21 2L8 B 6 2.61 0.24 0.50
O21 2L8 B 6 2.45 -0.97 0.40
N3 2L8 B 6 1.24 -0.48 4.70
N31 2L8 B 6 3.24 0.81 1.58
C4 2L8 B 6 0.92 0.73 4.11
O4 2L8 B 6 1.32 1.78 4.61
C41 2L8 B 6 3.47 2.15 1.80
O41 2L8 B 6 4.05 2.51 2.83
C5 2L8 B 6 0.11 0.64 2.91
C51 2L8 B 6 3.01 3.03 0.76
C6 2L8 B 6 -0.24 -0.57 2.48
C61 2L8 B 6 2.40 2.50 -0.30
C7 2L8 B 6 -0.32 1.91 2.23
C71 2L8 B 6 3.24 4.50 0.91
C1' 2L8 B 6 -0.34 -3.04 2.59
C1'1 2L8 B 6 1.52 0.62 -1.66
C1A 2L8 B 6 -2.10 -0.83 -3.59
C2' 2L8 B 6 -1.28 -3.80 3.49
C2'1 2L8 B 6 0.02 0.78 -1.68
C2A 2L8 B 6 -2.61 -1.20 -2.24
C3' 2L8 B 6 -2.18 -4.56 2.51
O3' 2L8 B 6 -1.69 -5.90 2.35
C3'1 2L8 B 6 -0.30 0.77 -3.17
O3'1 2L8 B 6 -0.69 -0.54 -3.60
C3A 2L8 B 6 -2.52 -2.38 -1.54
C4' 2L8 B 6 -2.08 -3.78 1.21
O4' 2L8 B 6 -1.07 -2.77 1.40
C4'1 2L8 B 6 1.03 1.16 -3.84
O4'1 2L8 B 6 1.97 1.37 -2.77
N4A 2L8 B 6 -3.28 -0.32 -1.44
C5'1 2L8 B 6 0.97 2.39 -4.70
O5'1 2L8 B 6 0.67 3.54 -3.92
N5A 2L8 B 6 -3.60 -0.87 -0.31
N6A 2L8 B 6 -3.15 -2.13 -0.36
C7A 2L8 B 6 -3.34 -3.01 0.79
OP1 2L8 B 6 0.92 5.95 -3.33
H3 2L8 B 6 1.78 -0.43 5.55
H1N3 2L8 B 6 3.55 0.17 2.31
H6 2L8 B 6 -0.83 -0.66 1.56
H1C6 2L8 B 6 2.04 3.16 -1.09
HC2' 2L8 B 6 -0.30 1.72 -1.22
H2' 2L8 B 6 -1.87 -3.14 4.12
HC5' 2L8 B 6 1.94 2.52 -5.20
H1' 2L8 B 6 0.53 -3.63 2.30
H11' 2L8 B 6 1.82 -0.42 -1.82
H1A 2L8 B 6 -2.68 0.02 -3.98
H1AA 2L8 B 6 -2.20 -1.66 -4.28
H2'A 2L8 B 6 -0.74 -4.47 4.13
H12' 2L8 B 6 -0.49 -0.02 -1.15
H3' 2L8 B 6 -3.21 -4.60 2.86
H13' 2L8 B 6 -1.08 1.48 -3.42
H3A 2L8 B 6 -2.09 -3.33 -1.78
H4' 2L8 B 6 -1.82 -4.50 0.42
H14' 2L8 B 6 1.30 0.32 -4.49
H15' 2L8 B 6 0.21 2.26 -5.47
H71 2L8 B 6 0.37 2.12 1.42
H1C7 2L8 B 6 4.19 4.77 0.46
H73 2L8 B 6 -0.32 2.73 2.95
H1CA 2L8 B 6 3.23 4.77 1.96
H72 2L8 B 6 -1.33 1.78 1.83
H1CB 2L8 B 6 2.44 5.05 0.39
OP2 2L8 B 6 0.03 5.24 -5.62
H7AA 2L8 B 6 -4.10 -3.73 0.52
H7AB 2L8 B 6 -3.72 -2.40 1.61
N1 2L8 B 6 -0.01 -1.87 2.98
P1 2L8 B 6 0.84 4.86 -4.61
N11 2L8 B 6 2.08 0.98 -0.61
C2 2L8 B 6 0.76 -1.85 4.12
O2 2L8 B 6 1.10 -2.86 4.71
C21 2L8 B 6 2.49 0.07 0.35
O21 2L8 B 6 2.33 -1.13 0.24
N3 2L8 B 6 1.11 -0.60 4.55
N31 2L8 B 6 3.13 0.64 1.43
C4 2L8 B 6 0.78 0.60 3.96
O4 2L8 B 6 1.18 1.66 4.46
C41 2L8 B 6 3.37 1.97 1.64
O41 2L8 B 6 3.95 2.33 2.67
C5 2L8 B 6 -0.03 0.51 2.76
C51 2L8 B 6 2.91 2.86 0.60
C6 2L8 B 6 -0.37 -0.72 2.33
C61 2L8 B 6 2.30 2.33 -0.47
C7 2L8 B 6 -0.46 1.77 2.08
C71 2L8 B 6 3.14 4.33 0.75
C1' 2L8 B 6 -0.47 -3.17 2.45
C1'1 2L8 B 6 1.40 0.46 -1.82
C1A 2L8 B 6 -2.22 -0.98 -3.74
C2' 2L8 B 6 -1.41 -3.94 3.35
C2'1 2L8 B 6 -0.09 0.62 -1.83
C2A 2L8 B 6 -2.73 -1.35 -2.38
C3' 2L8 B 6 -2.31 -4.70 2.37
O3' 2L8 B 6 -1.83 -6.04 2.21
C3'1 2L8 B 6 -0.42 0.62 -3.32
O3'1 2L8 B 6 -0.81 -0.69 -3.75
C3A 2L8 B 6 -2.64 -2.53 -1.69
C4' 2L8 B 6 -2.20 -3.93 1.06
O4' 2L8 B 6 -1.19 -2.91 1.26
C4'1 2L8 B 6 0.91 1.01 -3.99
O4'1 2L8 B 6 1.85 1.22 -2.92
N4A 2L8 B 6 -3.41 -0.48 -1.59
C5'1 2L8 B 6 0.84 2.25 -4.85
O5'1 2L8 B 6 0.56 3.39 -4.05
N5A 2L8 B 6 -3.73 -1.04 -0.47
N6A 2L8 B 6 -3.27 -2.30 -0.51
C7A 2L8 B 6 -3.46 -3.17 0.64
OP1 2L8 B 6 0.84 5.80 -3.45
H3 2L8 B 6 1.65 -0.55 5.41
H1N3 2L8 B 6 3.44 -0.01 2.15
H6 2L8 B 6 -0.97 -0.80 1.41
H1C6 2L8 B 6 1.94 3.00 -1.25
HC2' 2L8 B 6 -0.41 1.56 -1.37
H2' 2L8 B 6 -2.00 -3.27 3.98
HC5' 2L8 B 6 1.81 2.38 -5.36
H1' 2L8 B 6 0.41 -3.77 2.16
H11' 2L8 B 6 1.70 -0.58 -1.99
H1A 2L8 B 6 -2.79 -0.14 -4.13
H1AA 2L8 B 6 -2.32 -1.81 -4.44
H2'A 2L8 B 6 -0.86 -4.62 4.00
H12' 2L8 B 6 -0.61 -0.18 -1.31
H3' 2L8 B 6 -3.33 -4.73 2.72
H13' 2L8 B 6 -1.21 1.32 -3.57
H3A 2L8 B 6 -2.20 -3.49 -1.93
H4' 2L8 B 6 -1.93 -4.64 0.29
H14' 2L8 B 6 1.17 0.17 -4.64
H15' 2L8 B 6 0.07 2.12 -5.60
H71 2L8 B 6 -1.46 1.64 1.66
H1C7 2L8 B 6 4.10 4.60 0.30
H73 2L8 B 6 0.24 1.99 1.27
H1CA 2L8 B 6 3.15 4.60 1.80
H72 2L8 B 6 -0.47 2.59 2.79
H1CB 2L8 B 6 2.35 4.88 0.24
OP2 2L8 B 6 -0.09 5.11 -5.75
H7AA 2L8 B 6 -4.22 -3.90 0.36
H7AB 2L8 B 6 -3.86 -2.57 1.45
N1 2L8 B 6 -0.04 -1.77 2.98
P1 2L8 B 6 0.71 4.96 -4.60
N11 2L8 B 6 2.03 1.07 -0.64
C2 2L8 B 6 0.73 -1.75 4.12
O2 2L8 B 6 1.08 -2.76 4.71
C21 2L8 B 6 2.44 0.17 0.33
O21 2L8 B 6 2.26 -1.03 0.23
N3 2L8 B 6 1.08 -0.50 4.55
N31 2L8 B 6 3.07 0.74 1.40
C4 2L8 B 6 0.76 0.71 3.96
O4 2L8 B 6 1.16 1.75 4.45
C41 2L8 B 6 3.33 2.07 1.60
O41 2L8 B 6 3.91 2.44 2.63
C5 2L8 B 6 -0.06 0.61 2.76
C51 2L8 B 6 2.86 2.96 0.56
C6 2L8 B 6 -0.40 -0.61 2.32
C61 2L8 B 6 2.24 2.42 -0.49
C7 2L8 B 6 -0.48 1.86 2.07
C71 2L8 B 6 3.11 4.43 0.70
C1' 2L8 B 6 -0.50 -3.07 2.44
C1'1 2L8 B 6 1.34 0.56 -1.84
C1A 2L8 B 6 -2.28 -0.89 -3.74
C2' 2L8 B 6 -1.44 -3.83 3.35
C2'1 2L8 B 6 -0.16 0.72 -1.84
C2A 2L8 B 6 -2.80 -1.26 -2.38
C3' 2L8 B 6 -2.33 -4.60 2.38
O3' 2L8 B 6 -1.84 -5.94 2.21
C3'1 2L8 B 6 -0.49 0.71 -3.33
O3'1 2L8 B 6 -0.89 -0.60 -3.75
C3A 2L8 B 6 -2.69 -2.43 -1.67
C4' 2L8 B 6 -2.24 -3.82 1.08
O4' 2L8 B 6 -1.23 -2.80 1.27
C4'1 2L8 B 6 0.83 1.11 -4.02
O4'1 2L8 B 6 1.78 1.31 -2.95
N4A 2L8 B 6 -3.48 -0.38 -1.59
C5'1 2L8 B 6 0.76 2.35 -4.86
O5'1 2L8 B 6 0.45 3.49 -4.05
N5A 2L8 B 6 -3.79 -0.93 -0.46
N6A 2L8 B 6 -3.32 -2.19 -0.50
C7A 2L8 B 6 -3.50 -3.06 0.66
OP1 2L8 B 6 0.74 5.88 -3.43
H3 2L8 B 6 1.63 -0.44 5.39
H1N3 2L8 B 6 3.39 0.10 2.12
H6 2L8 B 6 -0.99 -0.70 1.41
H1C6 2L8 B 6 1.89 3.09 -1.29
HC2' 2L8 B 6 -0.48 1.66 -1.38
H2' 2L8 B 6 -2.03 -3.17 3.98
HC5' 2L8 B 6 1.73 2.49 -5.35
H1' 2L8 B 6 0.37 -3.66 2.17
H11' 2L8 B 6 1.63 -0.49 -2.00
H1A 2L8 B 6 -2.87 -0.05 -4.13
H1AA 2L8 B 6 -2.39 -1.73 -4.43
H2'A 2L8 B 6 -0.89 -4.51 4.00
H12' 2L8 B 6 -0.67 -0.09 -1.31
H3' 2L8 B 6 -3.36 -4.65 2.73
H13' 2L8 B 6 -1.29 1.42 -3.57
H3A 2L8 B 6 -2.25 -3.39 -1.91
H4' 2L8 B 6 -1.98 -4.54 0.29
H14' 2L8 B 6 1.09 0.27 -4.67
H15' 2L8 B 6 -0.01 2.22 -5.63
H71 2L8 B 6 -0.48 2.69 2.77
H1C7 2L8 B 6 3.16 4.70 1.76
H73 2L8 B 6 -1.49 1.74 1.66
H1CA 2L8 B 6 2.30 4.98 0.22
H72 2L8 B 6 0.21 2.08 1.25
H1CB 2L8 B 6 4.05 4.69 0.21
OP2 2L8 B 6 -0.25 5.22 -5.71
H7AA 2L8 B 6 -4.26 -3.79 0.40
H7AB 2L8 B 6 -3.88 -2.45 1.48
N1 2L8 B 6 -0.04 -1.86 3.00
P1 2L8 B 6 0.77 4.90 -4.60
N11 2L8 B 6 2.04 1.01 -0.59
C2 2L8 B 6 0.75 -1.84 4.13
O2 2L8 B 6 1.09 -2.86 4.72
C21 2L8 B 6 2.46 0.11 0.36
O21 2L8 B 6 2.30 -1.09 0.25
N3 2L8 B 6 1.11 -0.59 4.57
N31 2L8 B 6 3.09 0.67 1.43
C4 2L8 B 6 0.79 0.62 3.99
O4 2L8 B 6 1.20 1.66 4.48
C41 2L8 B 6 3.35 2.01 1.65
O41 2L8 B 6 3.93 2.36 2.67
C5 2L8 B 6 -0.04 0.54 2.80
C51 2L8 B 6 2.87 2.90 0.62
C6 2L8 B 6 -0.40 -0.68 2.36
C61 2L8 B 6 2.24 2.37 -0.44
C7 2L8 B 6 -0.47 1.79 2.13
C71 2L8 B 6 3.10 4.37 0.76
C1' 2L8 B 6 -0.50 -3.14 2.47
C1'1 2L8 B 6 1.34 0.51 -1.79
C1A 2L8 B 6 -2.30 -0.92 -3.69
C2' 2L8 B 6 -1.44 -3.90 3.37
C2'1 2L8 B 6 -0.16 0.67 -1.79
C2A 2L8 B 6 -2.81 -1.30 -2.33
C3' 2L8 B 6 -2.35 -4.66 2.41
O3' 2L8 B 6 -1.89 -6.01 2.24
C3'1 2L8 B 6 -0.48 0.67 -3.29
O3'1 2L8 B 6 -0.88 -0.64 -3.71
C3A 2L8 B 6 -2.71 -2.48 -1.64
C4' 2L8 B 6 -2.26 -3.88 1.10
O4' 2L8 B 6 -1.24 -2.87 1.30
C4'1 2L8 B 6 0.83 1.05 -3.97
O4'1 2L8 B 6 1.78 1.26 -2.90
N4A 2L8 B 6 -3.47 -0.41 -1.52
C5'1 2L8 B 6 0.78 2.29 -4.83
O5'1 2L8 B 6 0.50 3.44 -4.04
N5A 2L8 B 6 -3.77 -0.97 -0.40
N6A 2L8 B 6 -3.32 -2.23 -0.46
C7A 2L8 B 6 -3.52 -3.11 0.69
OP1 2L8 B 6 0.75 5.85 -3.46
H3 2L8 B 6 1.66 -0.55 5.42
H1N3 2L8 B 6 3.42 0.03 2.15
H6 2L8 B 6 -1.01 -0.76 1.45
H1C6 2L8 B 6 1.89 3.04 -1.22
HC2' 2L8 B 6 -0.46 1.61 -1.33
H2' 2L8 B 6 -2.01 -3.24 4.02
HC5' 2L8 B 6 1.73 2.41 -5.33
H1' 2L8 B 6 0.36 -3.74 2.17
H11' 2L8 B 6 1.63 -0.53 -1.96
H1A 2L8 B 6 -2.88 -0.07 -4.07
H1AA 2L8 B 6 -2.42 -1.75 -4.38
H2'A 2L8 B 6 -0.88 -4.59 4.02
H12' 2L8 B 6 -0.66 -0.13 -1.27
H3' 2L8 B 6 -3.38 -4.69 2.77
H13' 2L8 B 6 -1.27 1.38 -3.53
H3A 2L8 B 6 -2.29 -3.43 -1.89
H4' 2L8 B 6 -2.00 -4.60 0.32
H14' 2L8 B 6 1.10 0.21 -4.62
H15' 2L8 B 6 -0.01 2.16 -5.58
H71 2L8 B 6 -1.49 1.68 1.73
H1C7 2L8 B 6 2.30 4.91 0.27
H73 2L8 B 6 0.20 2.01 1.30
H1CA 2L8 B 6 4.06 4.64 0.31
H72 2L8 B 6 -0.45 2.62 2.84
H1CB 2L8 B 6 3.12 4.63 1.82
OP2 2L8 B 6 -0.13 5.13 -5.75
H7AA 2L8 B 6 -4.28 -3.84 0.41
H7AB 2L8 B 6 -3.90 -2.51 1.51
N1 2L8 B 6 0.04 -1.88 2.92
P1 2L8 B 6 0.76 4.81 -4.73
N11 2L8 B 6 2.07 0.99 -0.68
C2 2L8 B 6 0.81 -1.84 4.06
O2 2L8 B 6 1.18 -2.83 4.66
C21 2L8 B 6 2.51 0.10 0.27
O21 2L8 B 6 2.37 -1.11 0.18
N3 2L8 B 6 1.14 -0.57 4.48
N31 2L8 B 6 3.12 0.68 1.35
C4 2L8 B 6 0.78 0.63 3.89
O4 2L8 B 6 1.16 1.69 4.38
C41 2L8 B 6 3.34 2.03 1.57
O41 2L8 B 6 3.91 2.40 2.58
C5 2L8 B 6 -0.03 0.50 2.69
C51 2L8 B 6 2.85 2.90 0.52
C6 2L8 B 6 -0.35 -0.73 2.27
C61 2L8 B 6 2.24 2.35 -0.54
C7 2L8 B 6 -0.49 1.75 1.99
C71 2L8 B 6 3.05 4.38 0.66
C1' 2L8 B 6 -0.39 -3.19 2.39
C1'1 2L8 B 6 1.41 0.45 -1.89
C1A 2L8 B 6 -2.18 -1.08 -3.79
C2' 2L8 B 6 -1.31 -3.97 3.31
C2'1 2L8 B 6 -0.10 0.58 -1.90
C2A 2L8 B 6 -2.70 -1.45 -2.44
C3' 2L8 B 6 -2.20 -4.75 2.35
O3' 2L8 B 6 -1.71 -6.08 2.20
C3'1 2L8 B 6 -0.42 0.55 -3.39
O3'1 2L8 B 6 -0.78 -0.77 -3.81
C3A 2L8 B 6 -2.58 -2.63 -1.74
C4' 2L8 B 6 -2.11 -3.98 1.03
O4' 2L8 B 6 -1.12 -2.95 1.22
C4'1 2L8 B 6 0.89 0.96 -4.06
O4'1 2L8 B 6 1.83 1.20 -2.99
N4A 2L8 B 6 -3.38 -0.57 -1.65
C5'1 2L8 B 6 0.81 2.19 -4.95
O5'1 2L8 B 6 0.51 3.35 -4.15
N5A 2L8 B 6 -3.69 -1.15 -0.51
N6A 2L8 B 6 -3.20 -2.39 -0.56
C7A 2L8 B 6 -3.40 -3.27 0.60
OP1 2L8 B 6 0.72 5.76 -3.60
H3 2L8 B 6 1.68 -0.51 5.34
H1N3 2L8 B 6 3.45 0.06 2.07
H6 2L8 B 6 -0.94 -0.83 1.36
H1C6 2L8 B 6 1.88 3.00 -1.33
HC2' 2L8 B 6 -0.43 1.51 -1.45
H2' 2L8 B 6 -1.91 -3.32 3.95
HC5' 2L8 B 6 1.77 2.34 -5.44
H1' 2L8 B 6 0.50 -3.76 2.12
H11' 2L8 B 6 1.72 -0.58 -2.05
H1A 2L8 B 6 -2.78 -0.24 -4.19
H1AA 2L8 B 6 -2.28 -1.92 -4.48
H2'A 2L8 B 6 -0.74 -4.63 3.96
H12' 2L8 B 6 -0.59 -0.23 -1.37
H3' 2L8 B 6 -3.22 -4.80 2.70
H13' 2L8 B 6 -1.22 1.25 -3.65
H3A 2L8 B 6 -2.12 -3.57 -1.98
H4' 2L8 B 6 -1.82 -4.71 0.27
H14' 2L8 B 6 1.18 0.13 -4.71
H15' 2L8 B 6 0.04 2.04 -5.69
H71 2L8 B 6 -1.48 1.59 1.59
H1C7 2L8 B 6 2.24 4.90 0.14
H73 2L8 B 6 0.20 1.98 1.19
H1CA 2L8 B 6 4.00 4.66 0.22
H72 2L8 B 6 -0.51 2.57 2.71
H1CB 2L8 B 6 3.05 4.64 1.72
OP2 2L8 B 6 -0.15 5.01 -5.89
H7AA 2L8 B 6 -4.12 -4.01 0.31
H7AB 2L8 B 6 -3.80 -2.67 1.41
N1 2L8 B 6 0.08 -1.97 3.06
P1 2L8 B 6 0.79 4.72 -4.59
N11 2L8 B 6 2.15 0.88 -0.54
C2 2L8 B 6 0.85 -1.93 4.20
O2 2L8 B 6 1.20 -2.93 4.81
C21 2L8 B 6 2.57 -0.01 0.42
O21 2L8 B 6 2.42 -1.21 0.33
N3 2L8 B 6 1.20 -0.67 4.62
N31 2L8 B 6 3.19 0.57 1.50
C4 2L8 B 6 0.85 0.53 4.03
O4 2L8 B 6 1.24 1.59 4.52
C41 2L8 B 6 3.42 1.91 1.71
O41 2L8 B 6 4.00 2.29 2.73
C5 2L8 B 6 0.05 0.42 2.84
C51 2L8 B 6 2.95 2.79 0.66
C6 2L8 B 6 -0.29 -0.81 2.40
C61 2L8 B 6 2.34 2.25 -0.41
C7 2L8 B 6 -0.39 1.67 2.13
C71 2L8 B 6 3.16 4.27 0.79
C1' 2L8 B 6 -0.37 -3.27 2.54
C1'1 2L8 B 6 1.48 0.36 -1.74
C1A 2L8 B 6 -2.13 -1.14 -3.67
C2' 2L8 B 6 -1.30 -4.03 3.44
C2'1 2L8 B 6 -0.03 0.50 -1.77
C2A 2L8 B 6 -2.64 -1.51 -2.31
C3' 2L8 B 6 -2.20 -4.81 2.49
O3' 2L8 B 6 -1.71 -6.15 2.34
C3'1 2L8 B 6 -0.34 0.48 -3.25
O3'1 2L8 B 6 -0.72 -0.84 -3.68
C3A 2L8 B 6 -2.54 -2.68 -1.60
C4' 2L8 B 6 -2.10 -4.05 1.16
O4' 2L8 B 6 -1.09 -3.02 1.35
C4'1 2L8 B 6 0.98 0.88 -3.93
O4'1 2L8 B 6 1.92 1.11 -2.85
N4A 2L8 B 6 -3.32 -0.62 -1.52
C5'1 2L8 B 6 0.91 2.11 -4.81
O5'1 2L8 B 6 0.57 3.25 -4.02
N5A 2L8 B 6 -3.64 -1.19 -0.40
N6A 2L8 B 6 -3.17 -2.44 -0.43
C7A 2L8 B 6 -3.36 -3.31 0.72
OP1 2L8 B 6 0.76 5.67 -3.45
H3 2L8 B 6 1.73 -0.62 5.48
H1N3 2L8 B 6 3.51 -0.06 2.23
H6 2L8 B 6 -0.88 -0.90 1.49
H1C6 2L8 B 6 1.99 2.89 -1.20
HC2' 2L8 B 6 -0.36 1.44 -1.31
H2' 2L8 B 6 -1.89 -3.37 4.08
HC5' 2L8 B 6 1.89 2.27 -5.27
H1' 2L8 B 6 0.51 -3.85 2.25
H11' 2L8 B 6 1.79 -0.68 -1.91
H1A 2L8 B 6 -2.71 -0.30 -4.05
H1AA 2L8 B 6 -2.22 -1.97 -4.35
H2'A 2L8 B 6 -0.75 -4.71 4.10
H12' 2L8 B 6 -0.53 -0.31 -1.24
H3' 2L8 B 6 -3.22 -4.84 2.84
H13' 2L8 B 6 -1.14 1.18 -3.51
H3A 2L8 B 6 -2.10 -3.63 -1.85
H4' 2L8 B 6 -1.81 -4.77 0.40
H14' 2L8 B 6 1.26 0.04 -4.57
H15' 2L8 B 6 0.17 1.95 -5.58
H71 2L8 B 6 0.29 1.89 1.32
H1C7 2L8 B 6 3.12 4.54 1.84
H73 2L8 B 6 -0.40 2.50 2.84
H1CA 2L8 B 6 2.39 4.80 0.24
H72 2L8 B 6 -1.40 1.53 1.73
H1CB 2L8 B 6 4.14 4.53 0.39
OP2 2L8 B 6 -0.12 4.92 -5.75
H7AA 2L8 B 6 -4.11 -4.05 0.44
H7AB 2L8 B 6 -3.77 -2.71 1.53
N1 2L8 B 6 0.10 -1.77 2.97
P1 2L8 B 6 0.87 4.94 -4.70
N11 2L8 B 6 2.10 1.12 -0.63
C2 2L8 B 6 0.87 -1.74 4.10
O2 2L8 B 6 1.24 -2.73 4.70
C21 2L8 B 6 2.54 0.24 0.32
O21 2L8 B 6 2.40 -0.97 0.23
N3 2L8 B 6 1.19 -0.47 4.53
N31 2L8 B 6 3.15 0.83 1.40
C4 2L8 B 6 0.83 0.72 3.93
O4 2L8 B 6 1.21 1.78 4.43
C41 2L8 B 6 3.36 2.18 1.60
O41 2L8 B 6 3.92 2.56 2.63
C5 2L8 B 6 0.02 0.61 2.74
C51 2L8 B 6 2.87 3.05 0.56
C6 2L8 B 6 -0.30 -0.62 2.31
C61 2L8 B 6 2.27 2.48 -0.50
C7 2L8 B 6 -0.44 1.85 2.05
C71 2L8 B 6 3.06 4.53 0.69
C1' 2L8 B 6 -0.32 -3.09 2.43
C1'1 2L8 B 6 1.43 0.59 -1.84
C1A 2L8 B 6 -2.15 -0.96 -3.75
C2' 2L8 B 6 -1.25 -3.87 3.35
C2'1 2L8 B 6 -0.07 0.70 -1.85
C2A 2L8 B 6 -2.66 -1.34 -2.39
C3' 2L8 B 6 -2.12 -4.66 2.38
O3' 2L8 B 6 -1.61 -5.99 2.23
C3'1 2L8 B 6 -0.40 0.68 -3.34
O3'1 2L8 B 6 -0.75 -0.64 -3.76
C3A 2L8 B 6 -2.53 -2.52 -1.68
C4' 2L8 B 6 -2.04 -3.89 1.07
O4' 2L8 B 6 -1.06 -2.84 1.25
C4'1 2L8 B 6 0.92 1.09 -4.03
O4'1 2L8 B 6 1.85 1.34 -2.96
N4A 2L8 B 6 -3.34 -0.47 -1.59
C5'1 2L8 B 6 0.83 2.33 -4.90
O5'1 2L8 B 6 0.60 3.49 -4.10
N5A 2L8 B 6 -3.65 -1.04 -0.46
N6A 2L8 B 6 -3.16 -2.28 -0.51
C7A 2L8 B 6 -3.33 -3.17 0.64
OP1 2L8 B 6 0.85 5.92 -3.57
H3 2L8 B 6 1.73 -0.40 5.37
H1N3 2L8 B 6 3.49 0.20 2.12
H6 2L8 B 6 -0.88 -0.73 1.39
H1C6 2L8 B 6 1.90 3.14 -1.29
HC2' 2L8 B 6 -0.42 1.64 -1.40
H2' 2L8 B 6 -1.85 -3.23 3.98
HC5' 2L8 B 6 1.77 2.44 -5.45
H1' 2L8 B 6 0.55 -3.66 2.15
H11' 2L8 B 6 1.76 -0.44 -2.01
H1A 2L8 B 6 -2.75 -0.14 -4.14
H1AA 2L8 B 6 -2.24 -1.80 -4.43
H2'A 2L8 B 6 -0.67 -4.53 4.00
H12' 2L8 B 6 -0.56 -0.11 -1.32
H3' 2L8 B 6 -3.16 -4.72 2.74
H13' 2L8 B 6 -1.19 1.37 -3.60
H3A 2L8 B 6 -2.08 -3.46 -1.93
H4' 2L8 B 6 -1.77 -4.60 0.29
H14' 2L8 B 6 1.22 0.26 -4.66
H15' 2L8 B 6 0.01 2.20 -5.61
H71 2L8 B 6 -0.47 2.67 2.76
H1C7 2L8 B 6 4.03 4.81 0.27
H73 2L8 B 6 -1.44 1.69 1.64
H1CA 2L8 B 6 3.03 4.79 1.75
H72 2L8 B 6 0.25 2.09 1.23
H1CB 2L8 B 6 2.26 5.04 0.16
OP2 2L8 B 6 -0.04 5.14 -5.86
H7AA 2L8 B 6 -4.07 -3.91 0.37
H7AB 2L8 B 6 -3.73 -2.56 1.46
N1 2L8 B 6 0.03 -2.00 2.98
P1 2L8 B 6 0.73 4.66 -4.69
N11 2L8 B 6 2.08 0.84 -0.64
C2 2L8 B 6 0.80 -1.96 4.12
O2 2L8 B 6 1.15 -2.96 4.73
C21 2L8 B 6 2.50 -0.04 0.33
O21 2L8 B 6 2.35 -1.24 0.25
N3 2L8 B 6 1.12 -0.70 4.54
N31 2L8 B 6 3.11 0.55 1.41
C4 2L8 B 6 0.77 0.50 3.94
O4 2L8 B 6 1.15 1.56 4.42
C41 2L8 B 6 3.33 1.89 1.61
O41 2L8 B 6 3.90 2.28 2.63
C5 2L8 B 6 -0.03 0.38 2.74
C51 2L8 B 6 2.87 2.75 0.56
C6 2L8 B 6 -0.35 -0.86 2.31
C61 2L8 B 6 2.26 2.21 -0.50
C7 2L8 B 6 -0.48 1.61 2.03
C71 2L8 B 6 3.07 4.24 0.69
C1' 2L8 B 6 -0.40 -3.31 2.45
C1'1 2L8 B 6 1.41 0.31 -1.84
C1A 2L8 B 6 -2.17 -1.22 -3.75
C2' 2L8 B 6 -1.33 -4.09 3.36
C2'1 2L8 B 6 -0.09 0.44 -1.86
C2A 2L8 B 6 -2.69 -1.59 -2.40
C3' 2L8 B 6 -2.21 -4.88 2.40
O3' 2L8 B 6 -1.70 -6.21 2.25
C3'1 2L8 B 6 -0.41 0.41 -3.36
O3'1 2L8 B 6 -0.77 -0.91 -3.77
C3A 2L8 B 6 -2.58 -2.76 -1.69
C4' 2L8 B 6 -2.12 -4.11 1.08
O4' 2L8 B 6 -1.13 -3.07 1.26
C4'1 2L8 B 6 0.91 0.82 -4.03
O4'1 2L8 B 6 1.85 1.05 -2.95
N4A 2L8 B 6 -3.39 -0.72 -1.62
C5'1 2L8 B 6 0.83 2.04 -4.90
O5'1 2L8 B 6 0.49 3.20 -4.13
N5A 2L8 B 6 -3.70 -1.27 -0.48
N6A 2L8 B 6 -3.21 -2.53 -0.51
C7A 2L8 B 6 -3.39 -3.39 0.64
OP1 2L8 B 6 0.70 5.61 -3.55
H3 2L8 B 6 1.66 -0.63 5.39
H1N3 2L8 B 6 3.44 -0.07 2.14
H6 2L8 B 6 -0.94 -0.97 1.40
H1C6 2L8 B 6 1.91 2.85 -1.30
HC2' 2L8 B 6 -0.42 1.37 -1.41
H2' 2L8 B 6 -1.93 -3.43 3.99
HC5' 2L8 B 6 1.80 2.21 -5.38
H1' 2L8 B 6 0.48 -3.89 2.18
H11' 2L8 B 6 1.73 -0.73 -1.99
H1A 2L8 B 6 -2.76 -0.39 -4.15
H1AA 2L8 B 6 -2.27 -2.06 -4.44
H2'A 2L8 B 6 -0.77 -4.75 4.02
H12' 2L8 B 6 -0.60 -0.37 -1.33
H3' 2L8 B 6 -3.24 -4.92 2.75
H13' 2L8 B 6 -1.20 1.10 -3.60
H3A 2L8 B 6 -2.12 -3.71 -1.93
H4' 2L8 B 6 -1.83 -4.84 0.31
H14' 2L8 B 6 1.20 -0.02 -4.67
H15' 2L8 B 6 0.08 1.89 -5.68
H71 2L8 B 6 0.21 1.84 1.22
H1C7 2L8 B 6 4.05 4.50 0.29
H73 2L8 B 6 -0.49 2.45 2.73
H1CA 2L8 B 6 3.01 4.52 1.74
H72 2L8 B 6 -1.47 1.47 1.62
H1CB 2L8 B 6 2.30 4.76 0.13
OP2 2L8 B 6 -0.19 4.87 -5.83
H7AA 2L8 B 6 -4.13 -4.14 0.36
H7AB 2L8 B 6 -3.81 -2.79 1.45
#